data_3THJ
#
_entry.id   3THJ
#
_cell.length_a   90.490
_cell.length_b   90.490
_cell.length_c   69.690
_cell.angle_alpha   90.00
_cell.angle_beta   90.00
_cell.angle_gamma   120.00
#
_symmetry.space_group_name_H-M   'P 3'
#
loop_
_entity.id
_entity.type
_entity.pdbx_description
1 polymer Arginase-1
2 non-polymer 'COBALT (II) ION'
3 non-polymer L-ornithine
4 water water
#
_entity_poly.entity_id   1
_entity_poly.type   'polypeptide(L)'
_entity_poly.pdbx_seq_one_letter_code
;MSAKSRTIGIIGAPFSKGQPRGGVEEGPTVLRKAGLLEKLKEQECDVKDYGDLPFADIPNDSPFQIVKNPRSVGKASEQL
AGKVAEVKKNGRISLVLGGDHSLAIGSISGHARVHPDLGVIWVDAHTDINTPLTTTSGNLHGQPVSFLLKELKGKIPDVP
GFSWVTPCISAKDIVYIGLRDVDPGEHYILKTLGIKYFSMTEVDRLGIGKVMEETLSYLLGRKKRPIHLSFDVDGLDPSF
TPATGTPVVGGLTYREGLYITEEIYKTGLLSGLDIMEVNPSLGKTPEEVTRTVNTAVAITLACFGLAREGNHKPIDYLNP
PK
;
_entity_poly.pdbx_strand_id   A,B
#
loop_
_chem_comp.id
_chem_comp.type
_chem_comp.name
_chem_comp.formula
CO non-polymer 'COBALT (II) ION' 'Co 2'
#
# COMPACT_ATOMS: atom_id res chain seq x y z
N ARG A 6 -23.78 -19.19 24.42
CA ARG A 6 -22.33 -19.52 24.26
C ARG A 6 -21.53 -18.44 25.01
N THR A 7 -20.39 -18.81 25.61
CA THR A 7 -19.57 -17.84 26.36
C THR A 7 -18.40 -17.36 25.51
N ILE A 8 -18.31 -16.04 25.36
CA ILE A 8 -17.31 -15.40 24.51
C ILE A 8 -16.26 -14.51 25.17
N GLY A 9 -15.08 -14.51 24.59
CA GLY A 9 -13.98 -13.69 25.07
C GLY A 9 -13.58 -12.85 23.87
N ILE A 10 -13.95 -11.57 23.88
CA ILE A 10 -13.64 -10.66 22.77
C ILE A 10 -12.27 -10.04 22.88
N ILE A 11 -11.52 -10.08 21.79
CA ILE A 11 -10.18 -9.53 21.73
C ILE A 11 -10.01 -8.69 20.49
N GLY A 12 -9.84 -7.38 20.68
CA GLY A 12 -9.65 -6.49 19.56
C GLY A 12 -8.19 -6.52 19.14
N ALA A 13 -7.93 -6.72 17.85
CA ALA A 13 -6.57 -6.75 17.35
C ALA A 13 -6.40 -5.72 16.24
N PRO A 14 -6.25 -4.43 16.61
CA PRO A 14 -6.08 -3.34 15.65
C PRO A 14 -4.70 -3.36 15.01
N PHE A 15 -4.49 -4.28 14.06
CA PHE A 15 -3.21 -4.42 13.38
C PHE A 15 -3.38 -4.43 11.86
N SER A 16 -2.41 -3.84 11.14
CA SER A 16 -2.47 -3.74 9.67
C SER A 16 -1.15 -4.02 8.92
N LYS A 17 -0.03 -4.08 9.64
CA LYS A 17 1.27 -4.30 9.01
C LYS A 17 1.49 -5.59 8.23
N GLY A 18 0.46 -6.43 8.15
CA GLY A 18 0.56 -7.67 7.39
C GLY A 18 0.27 -7.42 5.92
N GLN A 19 -0.16 -6.20 5.61
CA GLN A 19 -0.47 -5.79 4.25
C GLN A 19 -0.27 -4.26 4.14
N PRO A 20 -0.41 -3.69 2.93
CA PRO A 20 -0.24 -2.25 2.67
C PRO A 20 -1.22 -1.18 3.19
N ARG A 21 -2.52 -1.43 3.08
CA ARG A 21 -3.53 -0.44 3.50
C ARG A 21 -3.72 -0.37 5.02
N GLY A 22 -3.61 0.83 5.58
CA GLY A 22 -3.73 0.98 7.03
C GLY A 22 -5.07 1.00 7.74
N GLY A 23 -6.14 1.30 7.05
CA GLY A 23 -7.45 1.36 7.70
C GLY A 23 -7.98 0.08 8.35
N VAL A 24 -7.32 -1.04 8.12
CA VAL A 24 -7.75 -2.32 8.68
C VAL A 24 -7.63 -2.37 10.20
N GLU A 25 -6.74 -1.55 10.77
CA GLU A 25 -6.58 -1.54 12.22
C GLU A 25 -7.80 -0.93 12.89
N GLU A 26 -8.71 -0.37 12.09
CA GLU A 26 -9.94 0.25 12.61
C GLU A 26 -11.07 -0.78 12.69
N GLY A 27 -10.80 -2.01 12.28
CA GLY A 27 -11.81 -3.05 12.31
C GLY A 27 -12.45 -3.23 13.68
N PRO A 28 -11.65 -3.37 14.75
CA PRO A 28 -12.26 -3.55 16.07
C PRO A 28 -13.21 -2.42 16.45
N THR A 29 -12.81 -1.19 16.13
CA THR A 29 -13.60 -0.01 16.44
C THR A 29 -14.95 0.03 15.73
N VAL A 30 -14.95 -0.14 14.42
CA VAL A 30 -16.22 -0.10 13.68
C VAL A 30 -17.15 -1.26 14.01
N LEU A 31 -16.60 -2.42 14.37
CA LEU A 31 -17.42 -3.58 14.72
C LEU A 31 -18.08 -3.34 16.09
N ARG A 32 -17.31 -2.80 17.03
CA ARG A 32 -17.84 -2.50 18.37
C ARG A 32 -18.92 -1.42 18.22
N LYS A 33 -18.62 -0.41 17.41
CA LYS A 33 -19.56 0.69 17.17
C LYS A 33 -20.90 0.18 16.63
N ALA A 34 -20.84 -0.81 15.74
CA ALA A 34 -22.05 -1.38 15.17
C ALA A 34 -22.84 -2.11 16.25
N GLY A 35 -22.32 -2.10 17.48
CA GLY A 35 -23.00 -2.74 18.59
C GLY A 35 -22.86 -4.25 18.69
N LEU A 36 -21.69 -4.77 18.32
CA LEU A 36 -21.47 -6.23 18.38
C LEU A 36 -21.62 -6.83 19.77
N LEU A 37 -21.14 -6.12 20.79
CA LEU A 37 -21.22 -6.60 22.18
C LEU A 37 -22.68 -6.66 22.63
N GLU A 38 -23.38 -5.56 22.42
CA GLU A 38 -24.77 -5.45 22.79
C GLU A 38 -25.56 -6.57 22.12
N LYS A 39 -25.42 -6.69 20.81
CA LYS A 39 -26.12 -7.71 20.03
C LYS A 39 -25.81 -9.13 20.48
N LEU A 40 -24.56 -9.40 20.80
CA LEU A 40 -24.18 -10.73 21.26
C LEU A 40 -24.89 -10.99 22.59
N LYS A 41 -24.82 -10.01 23.49
CA LYS A 41 -25.47 -10.14 24.78
C LYS A 41 -26.97 -10.30 24.61
N GLU A 42 -27.51 -9.70 23.55
CA GLU A 42 -28.94 -9.79 23.25
C GLU A 42 -29.36 -11.24 23.04
N GLN A 43 -28.36 -12.10 22.84
CA GLN A 43 -28.58 -13.53 22.65
C GLN A 43 -28.19 -14.15 23.99
N GLU A 44 -28.37 -15.45 24.15
CA GLU A 44 -28.01 -16.08 25.42
C GLU A 44 -26.49 -16.11 25.57
N CYS A 45 -25.82 -15.03 25.17
CA CYS A 45 -24.36 -14.96 25.24
C CYS A 45 -23.75 -14.30 26.47
N ASP A 46 -22.73 -14.96 27.02
CA ASP A 46 -21.97 -14.46 28.16
C ASP A 46 -20.76 -13.79 27.53
N VAL A 47 -20.80 -12.47 27.42
CA VAL A 47 -19.73 -11.72 26.77
C VAL A 47 -18.76 -10.94 27.67
N LYS A 48 -17.47 -11.23 27.49
CA LYS A 48 -16.42 -10.54 28.24
C LYS A 48 -15.45 -9.92 27.25
N ASP A 49 -15.33 -8.60 27.28
CA ASP A 49 -14.44 -7.90 26.38
C ASP A 49 -13.06 -7.78 27.02
N TYR A 50 -12.05 -8.30 26.34
CA TYR A 50 -10.68 -8.21 26.85
C TYR A 50 -10.01 -6.95 26.31
N GLY A 51 -10.78 -6.16 25.57
CA GLY A 51 -10.28 -4.92 25.01
C GLY A 51 -9.41 -5.08 23.78
N ASP A 52 -8.84 -3.98 23.31
CA ASP A 52 -7.97 -3.98 22.16
C ASP A 52 -6.52 -4.13 22.61
N LEU A 53 -5.81 -5.09 22.03
CA LEU A 53 -4.41 -5.29 22.39
C LEU A 53 -3.63 -4.05 21.97
N PRO A 54 -2.70 -3.59 22.81
CA PRO A 54 -1.89 -2.41 22.47
C PRO A 54 -0.66 -2.80 21.66
N PHE A 55 -0.79 -2.81 20.34
CA PHE A 55 0.31 -3.16 19.46
C PHE A 55 1.28 -1.99 19.28
N ALA A 56 2.31 -1.94 20.14
CA ALA A 56 3.29 -0.87 20.07
C ALA A 56 4.04 -0.87 18.74
N ASP A 57 4.54 0.30 18.36
CA ASP A 57 5.28 0.47 17.11
C ASP A 57 6.71 -0.07 17.17
N ILE A 58 7.15 -0.70 16.07
CA ILE A 58 8.51 -1.20 15.96
C ILE A 58 9.10 -0.38 14.82
N PRO A 59 9.63 0.83 15.13
CA PRO A 59 10.23 1.77 14.18
C PRO A 59 11.28 1.13 13.28
N ASN A 60 12.09 0.26 13.85
CA ASN A 60 13.13 -0.41 13.08
C ASN A 60 12.62 -1.78 12.66
N ASP A 61 12.22 -1.87 11.40
CA ASP A 61 11.67 -3.12 10.90
C ASP A 61 11.84 -3.21 9.39
N SER A 62 13.10 -3.26 8.94
CA SER A 62 13.40 -3.37 7.53
C SER A 62 12.98 -4.75 7.01
N PRO A 63 12.64 -4.84 5.72
CA PRO A 63 12.23 -6.13 5.16
C PRO A 63 13.22 -7.26 5.35
N PHE A 64 12.68 -8.48 5.40
CA PHE A 64 13.49 -9.68 5.48
C PHE A 64 13.34 -10.14 4.03
N GLN A 65 14.39 -9.92 3.24
CA GLN A 65 14.36 -10.26 1.83
C GLN A 65 13.21 -9.44 1.22
N ILE A 66 12.14 -10.13 0.82
CA ILE A 66 10.99 -9.48 0.21
C ILE A 66 9.86 -9.23 1.24
N VAL A 67 9.87 -10.00 2.32
CA VAL A 67 8.87 -9.94 3.39
C VAL A 67 8.87 -8.62 4.18
N LYS A 68 7.71 -7.97 4.23
CA LYS A 68 7.58 -6.67 4.89
C LYS A 68 7.05 -6.66 6.32
N ASN A 69 7.64 -5.78 7.12
CA ASN A 69 7.27 -5.58 8.54
C ASN A 69 7.26 -6.90 9.31
N PRO A 70 8.29 -7.74 9.13
CA PRO A 70 8.32 -9.01 9.85
C PRO A 70 8.33 -8.93 11.38
N ARG A 71 9.07 -7.98 11.96
CA ARG A 71 9.13 -7.87 13.41
C ARG A 71 7.81 -7.37 14.00
N SER A 72 7.17 -6.45 13.29
CA SER A 72 5.90 -5.88 13.73
C SER A 72 4.80 -6.93 13.67
N VAL A 73 4.77 -7.69 12.57
CA VAL A 73 3.78 -8.74 12.40
C VAL A 73 4.06 -9.87 13.40
N GLY A 74 5.33 -10.24 13.51
CA GLY A 74 5.71 -11.29 14.42
C GLY A 74 5.35 -10.99 15.87
N LYS A 75 5.55 -9.74 16.27
CA LYS A 75 5.26 -9.32 17.64
C LYS A 75 3.75 -9.27 17.92
N ALA A 76 2.98 -8.73 16.97
CA ALA A 76 1.53 -8.63 17.12
C ALA A 76 0.89 -10.02 17.32
N SER A 77 1.38 -11.00 16.57
CA SER A 77 0.87 -12.37 16.70
C SER A 77 1.33 -13.02 18.00
N GLU A 78 2.55 -12.71 18.42
CA GLU A 78 3.08 -13.28 19.67
C GLU A 78 2.25 -12.76 20.83
N GLN A 79 1.90 -11.47 20.77
CA GLN A 79 1.10 -10.83 21.80
C GLN A 79 -0.34 -11.37 21.75
N LEU A 80 -0.87 -11.52 20.55
CA LEU A 80 -2.23 -12.04 20.39
C LEU A 80 -2.33 -13.51 20.83
N ALA A 81 -1.28 -14.29 20.54
CA ALA A 81 -1.26 -15.70 20.92
C ALA A 81 -1.42 -15.80 22.44
N GLY A 82 -0.73 -14.93 23.16
CA GLY A 82 -0.82 -14.92 24.61
C GLY A 82 -2.22 -14.59 25.10
N LYS A 83 -2.85 -13.60 24.47
CA LYS A 83 -4.20 -13.21 24.89
C LYS A 83 -5.22 -14.32 24.62
N VAL A 84 -5.17 -14.90 23.42
CA VAL A 84 -6.08 -15.97 23.04
C VAL A 84 -5.97 -17.18 23.97
N ALA A 85 -4.74 -17.53 24.35
CA ALA A 85 -4.53 -18.67 25.25
C ALA A 85 -5.11 -18.34 26.63
N GLU A 86 -5.12 -17.07 26.97
CA GLU A 86 -5.64 -16.59 28.24
C GLU A 86 -7.16 -16.74 28.28
N VAL A 87 -7.83 -16.26 27.24
CA VAL A 87 -9.29 -16.36 27.14
C VAL A 87 -9.70 -17.83 27.04
N LYS A 88 -8.92 -18.65 26.33
CA LYS A 88 -9.25 -20.06 26.22
C LYS A 88 -9.12 -20.70 27.60
N LYS A 89 -8.09 -20.28 28.35
CA LYS A 89 -7.89 -20.80 29.70
C LYS A 89 -9.02 -20.37 30.63
N ASN A 90 -9.78 -19.35 30.22
CA ASN A 90 -10.89 -18.84 31.00
C ASN A 90 -12.20 -19.54 30.63
N GLY A 91 -12.09 -20.53 29.76
CA GLY A 91 -13.26 -21.29 29.35
C GLY A 91 -14.22 -20.52 28.46
N ARG A 92 -13.67 -19.69 27.59
CA ARG A 92 -14.48 -18.88 26.68
C ARG A 92 -14.01 -19.01 25.23
N ILE A 93 -14.94 -18.82 24.31
CA ILE A 93 -14.61 -18.87 22.88
C ILE A 93 -13.94 -17.55 22.50
N SER A 94 -12.68 -17.60 22.07
CA SER A 94 -11.98 -16.39 21.69
C SER A 94 -12.54 -15.83 20.39
N LEU A 95 -12.86 -14.55 20.40
CA LEU A 95 -13.41 -13.87 19.24
C LEU A 95 -12.44 -12.74 18.92
N VAL A 96 -11.59 -12.96 17.92
CA VAL A 96 -10.63 -11.95 17.53
C VAL A 96 -11.18 -11.01 16.46
N LEU A 97 -11.40 -9.75 16.84
CA LEU A 97 -11.89 -8.75 15.90
C LEU A 97 -10.59 -8.25 15.31
N GLY A 98 -10.30 -8.63 14.08
CA GLY A 98 -9.03 -8.23 13.57
C GLY A 98 -8.79 -7.10 12.61
N GLY A 99 -7.51 -7.04 12.27
CA GLY A 99 -7.00 -6.13 11.30
C GLY A 99 -6.75 -7.17 10.23
N ASP A 100 -5.53 -7.22 9.70
CA ASP A 100 -5.22 -8.17 8.64
C ASP A 100 -5.10 -9.64 9.08
N HIS A 101 -5.20 -10.53 8.12
CA HIS A 101 -5.16 -11.96 8.36
C HIS A 101 -3.84 -12.55 8.88
N SER A 102 -2.77 -11.76 8.92
CA SER A 102 -1.50 -12.28 9.42
C SER A 102 -1.68 -12.68 10.89
N LEU A 103 -2.64 -12.03 11.54
CA LEU A 103 -2.95 -12.27 12.96
C LEU A 103 -3.41 -13.71 13.23
N ALA A 104 -3.75 -14.45 12.17
CA ALA A 104 -4.18 -15.84 12.32
C ALA A 104 -3.05 -16.66 12.94
N ILE A 105 -1.81 -16.24 12.68
CA ILE A 105 -0.64 -16.93 13.22
C ILE A 105 -0.73 -16.95 14.76
N GLY A 106 -1.00 -15.80 15.35
CA GLY A 106 -1.10 -15.74 16.81
C GLY A 106 -2.38 -16.34 17.37
N SER A 107 -3.50 -16.09 16.70
CA SER A 107 -4.80 -16.61 17.13
C SER A 107 -4.84 -18.13 17.16
N ILE A 108 -4.41 -18.77 16.07
CA ILE A 108 -4.41 -20.22 16.03
C ILE A 108 -3.31 -20.79 16.93
N SER A 109 -2.18 -20.10 17.01
CA SER A 109 -1.09 -20.55 17.87
C SER A 109 -1.49 -20.56 19.33
N GLY A 110 -2.08 -19.46 19.79
CA GLY A 110 -2.51 -19.34 21.17
C GLY A 110 -3.64 -20.31 21.51
N HIS A 111 -4.53 -20.51 20.54
CA HIS A 111 -5.66 -21.42 20.69
C HIS A 111 -5.14 -22.86 20.86
N ALA A 112 -4.18 -23.23 20.02
CA ALA A 112 -3.59 -24.57 20.03
C ALA A 112 -2.81 -24.90 21.31
N ARG A 113 -2.33 -23.87 22.00
CA ARG A 113 -1.59 -24.06 23.24
C ARG A 113 -2.52 -24.68 24.29
N VAL A 114 -3.80 -24.30 24.25
CA VAL A 114 -4.76 -24.83 25.21
C VAL A 114 -5.51 -26.04 24.65
N HIS A 115 -5.67 -26.06 23.33
CA HIS A 115 -6.40 -27.14 22.66
C HIS A 115 -5.62 -27.61 21.44
N PRO A 116 -4.55 -28.38 21.65
CA PRO A 116 -3.71 -28.90 20.55
C PRO A 116 -4.40 -29.74 19.49
N ASP A 117 -5.60 -30.25 19.81
CA ASP A 117 -6.34 -31.10 18.89
C ASP A 117 -7.33 -30.35 17.99
N LEU A 118 -7.25 -29.03 17.98
CA LEU A 118 -8.19 -28.23 17.18
C LEU A 118 -8.17 -28.48 15.67
N GLY A 119 -9.30 -28.18 15.04
CA GLY A 119 -9.45 -28.32 13.60
C GLY A 119 -9.71 -26.92 13.09
N VAL A 120 -9.22 -26.60 11.90
CA VAL A 120 -9.40 -25.27 11.36
C VAL A 120 -10.23 -25.18 10.10
N ILE A 121 -11.15 -24.22 10.08
CA ILE A 121 -11.96 -23.95 8.90
C ILE A 121 -11.56 -22.54 8.51
N TRP A 122 -11.04 -22.40 7.29
CA TRP A 122 -10.54 -21.14 6.79
C TRP A 122 -11.41 -20.67 5.64
N VAL A 123 -12.25 -19.67 5.93
CA VAL A 123 -13.16 -19.10 4.93
C VAL A 123 -12.43 -17.91 4.35
N ASP A 124 -12.10 -18.01 3.06
CA ASP A 124 -11.30 -16.97 2.44
C ASP A 124 -11.30 -17.13 0.92
N ALA A 125 -11.01 -16.05 0.21
CA ALA A 125 -10.90 -16.10 -1.24
C ALA A 125 -9.46 -16.57 -1.52
N HIS A 126 -8.63 -16.49 -0.49
CA HIS A 126 -7.21 -16.86 -0.57
C HIS A 126 -6.84 -17.97 0.40
N THR A 127 -5.77 -18.68 0.08
CA THR A 127 -5.28 -19.77 0.92
C THR A 127 -4.31 -19.23 1.99
N ASP A 128 -3.74 -18.04 1.74
CA ASP A 128 -2.81 -17.40 2.67
C ASP A 128 -1.77 -18.39 3.16
N ILE A 129 -1.23 -19.19 2.25
CA ILE A 129 -0.28 -20.20 2.62
C ILE A 129 1.09 -20.02 1.95
N ASN A 130 1.35 -18.82 1.44
CA ASN A 130 2.64 -18.55 0.81
C ASN A 130 3.70 -18.60 1.90
N THR A 131 4.91 -19.02 1.54
CA THR A 131 5.99 -19.06 2.53
C THR A 131 6.75 -17.76 2.30
N PRO A 132 7.74 -17.47 3.16
CA PRO A 132 8.49 -16.23 2.94
C PRO A 132 9.26 -16.32 1.63
N LEU A 133 9.39 -17.53 1.09
CA LEU A 133 10.12 -17.74 -0.15
C LEU A 133 9.27 -17.89 -1.41
N THR A 134 7.98 -18.15 -1.26
CA THR A 134 7.11 -18.29 -2.42
C THR A 134 6.28 -17.02 -2.63
N THR A 135 6.19 -16.20 -1.60
CA THR A 135 5.43 -14.96 -1.71
C THR A 135 6.05 -14.03 -2.75
N THR A 136 5.20 -13.32 -3.49
CA THR A 136 5.71 -12.36 -4.46
C THR A 136 5.40 -10.94 -3.97
N SER A 137 4.34 -10.83 -3.16
CA SER A 137 3.93 -9.54 -2.62
C SER A 137 4.73 -9.11 -1.39
N GLY A 138 5.19 -10.09 -0.61
CA GLY A 138 5.94 -9.76 0.59
C GLY A 138 5.00 -9.44 1.76
N ASN A 139 3.69 -9.43 1.50
CA ASN A 139 2.69 -9.15 2.54
C ASN A 139 2.43 -10.38 3.38
N LEU A 140 2.72 -10.30 4.67
CA LEU A 140 2.54 -11.44 5.57
C LEU A 140 1.09 -11.90 5.77
N HIS A 141 0.09 -11.11 5.38
CA HIS A 141 -1.29 -11.55 5.57
C HIS A 141 -1.64 -12.63 4.55
N GLY A 142 -0.70 -12.93 3.65
CA GLY A 142 -0.90 -13.96 2.66
C GLY A 142 0.00 -15.16 2.94
N GLN A 143 0.58 -15.18 4.14
CA GLN A 143 1.48 -16.26 4.54
C GLN A 143 1.18 -16.91 5.90
N PRO A 144 0.17 -16.43 6.65
CA PRO A 144 -0.09 -17.06 7.96
C PRO A 144 -0.12 -18.58 8.07
N VAL A 145 -0.79 -19.24 7.13
CA VAL A 145 -0.89 -20.70 7.20
C VAL A 145 0.44 -21.44 7.04
N SER A 146 1.38 -20.85 6.30
CA SER A 146 2.67 -21.51 6.11
C SER A 146 3.47 -21.63 7.41
N PHE A 147 3.28 -20.67 8.32
CA PHE A 147 3.99 -20.67 9.60
C PHE A 147 3.40 -21.66 10.61
N LEU A 148 2.13 -22.00 10.41
CA LEU A 148 1.40 -22.89 11.31
C LEU A 148 1.49 -24.37 10.95
N LEU A 149 1.71 -24.67 9.67
CA LEU A 149 1.78 -26.06 9.23
C LEU A 149 3.05 -26.80 9.58
N LYS A 150 2.89 -27.91 10.31
CA LYS A 150 4.03 -28.72 10.72
C LYS A 150 4.81 -29.23 9.51
N GLU A 151 4.08 -29.67 8.48
CA GLU A 151 4.70 -30.20 7.26
C GLU A 151 5.55 -29.20 6.52
N LEU A 152 5.35 -27.92 6.78
CA LEU A 152 6.10 -26.87 6.10
C LEU A 152 7.27 -26.34 6.93
N LYS A 153 7.43 -26.85 8.15
CA LYS A 153 8.53 -26.45 9.01
C LYS A 153 9.79 -27.03 8.36
N GLY A 154 10.73 -26.14 8.03
CA GLY A 154 11.95 -26.55 7.37
C GLY A 154 11.97 -25.82 6.04
N LYS A 155 10.83 -25.26 5.67
CA LYS A 155 10.67 -24.51 4.44
C LYS A 155 10.42 -23.03 4.75
N ILE A 156 10.33 -22.72 6.04
CA ILE A 156 10.12 -21.35 6.51
C ILE A 156 11.44 -20.87 7.12
N PRO A 157 12.11 -19.88 6.48
CA PRO A 157 13.38 -19.34 6.96
C PRO A 157 13.22 -18.66 8.32
N ASP A 158 14.33 -18.36 8.99
CA ASP A 158 14.23 -17.68 10.27
C ASP A 158 13.98 -16.19 10.05
N VAL A 159 12.70 -15.84 10.02
CA VAL A 159 12.25 -14.46 9.83
C VAL A 159 12.22 -13.71 11.16
N PRO A 160 12.82 -12.51 11.20
CA PRO A 160 12.85 -11.71 12.43
C PRO A 160 11.44 -11.51 13.00
N GLY A 161 11.27 -11.83 14.28
CA GLY A 161 9.98 -11.67 14.92
C GLY A 161 9.16 -12.94 15.08
N PHE A 162 9.55 -14.03 14.42
CA PHE A 162 8.78 -15.27 14.51
C PHE A 162 9.52 -16.45 15.15
N SER A 163 10.61 -16.18 15.86
CA SER A 163 11.36 -17.25 16.50
C SER A 163 10.53 -17.97 17.56
N TRP A 164 9.47 -17.32 18.02
CA TRP A 164 8.58 -17.89 19.04
C TRP A 164 7.60 -18.90 18.46
N VAL A 165 7.39 -18.85 17.15
CA VAL A 165 6.44 -19.73 16.51
C VAL A 165 6.84 -21.20 16.46
N THR A 166 5.84 -22.05 16.64
CA THR A 166 6.00 -23.50 16.56
C THR A 166 4.79 -24.02 15.80
N PRO A 167 5.02 -24.61 14.60
CA PRO A 167 3.91 -25.15 13.80
C PRO A 167 3.01 -25.97 14.70
N CYS A 168 1.72 -25.67 14.69
CA CYS A 168 0.80 -26.38 15.57
C CYS A 168 -0.30 -27.18 14.90
N ILE A 169 -0.40 -27.07 13.58
CA ILE A 169 -1.43 -27.82 12.87
C ILE A 169 -0.87 -28.63 11.70
N SER A 170 -1.46 -29.79 11.49
CA SER A 170 -1.07 -30.68 10.41
C SER A 170 -1.93 -30.34 9.19
N ALA A 171 -1.40 -30.65 8.00
CA ALA A 171 -2.09 -30.37 6.76
C ALA A 171 -3.50 -30.97 6.74
N LYS A 172 -3.68 -32.05 7.49
CA LYS A 172 -4.97 -32.74 7.54
C LYS A 172 -6.01 -32.11 8.49
N ASP A 173 -5.59 -31.13 9.29
CA ASP A 173 -6.49 -30.50 10.25
C ASP A 173 -7.07 -29.16 9.82
N ILE A 174 -7.04 -28.89 8.52
CA ILE A 174 -7.59 -27.64 8.02
C ILE A 174 -8.37 -27.82 6.72
N VAL A 175 -9.47 -27.07 6.61
CA VAL A 175 -10.30 -27.09 5.41
C VAL A 175 -10.49 -25.65 4.95
N TYR A 176 -10.31 -25.41 3.66
CA TYR A 176 -10.50 -24.10 3.06
C TYR A 176 -11.86 -24.08 2.38
N ILE A 177 -12.54 -22.93 2.45
CA ILE A 177 -13.83 -22.76 1.79
C ILE A 177 -13.89 -21.36 1.16
N GLY A 178 -14.16 -21.30 -0.14
CA GLY A 178 -14.30 -20.02 -0.83
C GLY A 178 -13.16 -19.59 -1.74
N LEU A 179 -12.12 -20.39 -1.83
CA LEU A 179 -10.95 -20.05 -2.64
C LEU A 179 -11.26 -19.66 -4.08
N ARG A 180 -10.62 -18.59 -4.55
CA ARG A 180 -10.78 -18.14 -5.93
C ARG A 180 -9.61 -17.31 -6.46
N ASP A 181 -8.58 -17.13 -5.64
CA ASP A 181 -7.36 -16.41 -6.05
C ASP A 181 -6.17 -17.00 -5.28
N VAL A 182 -5.68 -18.13 -5.79
CA VAL A 182 -4.59 -18.89 -5.21
C VAL A 182 -3.35 -18.76 -6.09
N ASP A 183 -2.20 -18.43 -5.48
CA ASP A 183 -0.96 -18.30 -6.23
C ASP A 183 -0.45 -19.68 -6.64
N PRO A 184 0.39 -19.75 -7.68
CA PRO A 184 0.94 -21.03 -8.16
C PRO A 184 1.64 -21.87 -7.08
N GLY A 185 2.55 -21.25 -6.33
CA GLY A 185 3.25 -21.95 -5.27
C GLY A 185 2.25 -22.45 -4.24
N GLU A 186 1.25 -21.62 -3.94
CA GLU A 186 0.23 -22.00 -2.98
C GLU A 186 -0.52 -23.24 -3.48
N HIS A 187 -0.91 -23.25 -4.75
CA HIS A 187 -1.62 -24.39 -5.31
C HIS A 187 -0.77 -25.65 -5.25
N TYR A 188 0.52 -25.49 -5.50
CA TYR A 188 1.47 -26.60 -5.45
C TYR A 188 1.47 -27.20 -4.04
N ILE A 189 1.44 -26.33 -3.02
CA ILE A 189 1.43 -26.75 -1.62
C ILE A 189 0.14 -27.52 -1.31
N LEU A 190 -0.99 -27.01 -1.82
CA LEU A 190 -2.28 -27.67 -1.60
C LEU A 190 -2.25 -29.11 -2.07
N LYS A 191 -1.86 -29.29 -3.33
CA LYS A 191 -1.79 -30.60 -3.97
C LYS A 191 -0.71 -31.50 -3.37
N THR A 192 0.42 -30.90 -3.01
CA THR A 192 1.53 -31.66 -2.44
C THR A 192 1.26 -32.18 -1.02
N LEU A 193 0.66 -31.37 -0.16
CA LEU A 193 0.37 -31.80 1.20
C LEU A 193 -0.99 -32.46 1.32
N GLY A 194 -1.78 -32.42 0.26
CA GLY A 194 -3.10 -33.04 0.30
C GLY A 194 -4.10 -32.28 1.16
N ILE A 195 -4.02 -30.96 1.14
CA ILE A 195 -4.93 -30.14 1.94
C ILE A 195 -6.34 -30.16 1.35
N LYS A 196 -7.33 -30.33 2.23
CA LYS A 196 -8.73 -30.38 1.85
C LYS A 196 -9.23 -28.95 1.61
N TYR A 197 -9.86 -28.73 0.45
CA TYR A 197 -10.38 -27.41 0.14
C TYR A 197 -11.62 -27.50 -0.72
N PHE A 198 -12.39 -26.43 -0.69
CA PHE A 198 -13.60 -26.29 -1.49
C PHE A 198 -13.47 -24.89 -2.03
N SER A 199 -12.99 -24.78 -3.26
CA SER A 199 -12.84 -23.49 -3.90
C SER A 199 -14.23 -23.13 -4.38
N MET A 200 -14.37 -21.95 -4.98
CA MET A 200 -15.69 -21.55 -5.46
C MET A 200 -16.23 -22.56 -6.46
N THR A 201 -15.33 -23.26 -7.15
CA THR A 201 -15.74 -24.27 -8.12
C THR A 201 -16.49 -25.41 -7.42
N GLU A 202 -15.96 -25.86 -6.29
CA GLU A 202 -16.59 -26.94 -5.52
C GLU A 202 -17.92 -26.49 -4.91
N VAL A 203 -17.99 -25.23 -4.49
CA VAL A 203 -19.22 -24.71 -3.91
C VAL A 203 -20.28 -24.70 -5.02
N ASP A 204 -19.90 -24.27 -6.22
CA ASP A 204 -20.85 -24.22 -7.33
C ASP A 204 -21.32 -25.63 -7.68
N ARG A 205 -20.38 -26.56 -7.68
CA ARG A 205 -20.67 -27.95 -8.00
C ARG A 205 -21.58 -28.67 -7.00
N LEU A 206 -21.21 -28.60 -5.72
CA LEU A 206 -21.94 -29.31 -4.68
C LEU A 206 -23.02 -28.55 -3.91
N GLY A 207 -22.88 -27.23 -3.84
CA GLY A 207 -23.82 -26.43 -3.08
C GLY A 207 -23.19 -26.30 -1.71
N ILE A 208 -23.43 -25.18 -1.03
CA ILE A 208 -22.88 -24.94 0.30
C ILE A 208 -23.32 -25.98 1.34
N GLY A 209 -24.50 -26.55 1.13
CA GLY A 209 -24.99 -27.57 2.06
C GLY A 209 -24.09 -28.79 2.09
N LYS A 210 -23.78 -29.35 0.92
CA LYS A 210 -22.91 -30.53 0.85
C LYS A 210 -21.48 -30.15 1.27
N VAL A 211 -21.05 -28.96 0.88
CA VAL A 211 -19.72 -28.46 1.23
C VAL A 211 -19.52 -28.50 2.75
N MET A 212 -20.52 -28.03 3.49
CA MET A 212 -20.45 -28.02 4.95
C MET A 212 -20.56 -29.42 5.53
N GLU A 213 -21.38 -30.26 4.91
CA GLU A 213 -21.53 -31.63 5.39
C GLU A 213 -20.15 -32.29 5.33
N GLU A 214 -19.51 -32.18 4.17
CA GLU A 214 -18.18 -32.75 3.96
C GLU A 214 -17.10 -32.13 4.83
N THR A 215 -17.17 -30.81 5.01
CA THR A 215 -16.19 -30.12 5.82
C THR A 215 -16.17 -30.64 7.25
N LEU A 216 -17.35 -30.65 7.89
CA LEU A 216 -17.47 -31.09 9.27
C LEU A 216 -17.17 -32.59 9.43
N SER A 217 -17.57 -33.38 8.44
CA SER A 217 -17.32 -34.81 8.50
C SER A 217 -15.84 -35.04 8.38
N TYR A 218 -15.21 -34.24 7.51
CA TYR A 218 -13.77 -34.34 7.28
C TYR A 218 -12.97 -34.03 8.54
N LEU A 219 -13.36 -32.98 9.26
CA LEU A 219 -12.66 -32.58 10.47
C LEU A 219 -13.11 -33.26 11.77
N LEU A 220 -14.37 -33.69 11.83
CA LEU A 220 -14.89 -34.31 13.05
C LEU A 220 -15.18 -35.81 12.96
N GLY A 221 -14.97 -36.38 11.78
CA GLY A 221 -15.24 -37.79 11.59
C GLY A 221 -14.59 -38.71 12.60
N ARG A 222 -13.25 -38.72 12.63
CA ARG A 222 -12.51 -39.56 13.57
C ARG A 222 -12.96 -39.31 15.01
N LYS A 223 -13.03 -38.03 15.39
CA LYS A 223 -13.46 -37.68 16.73
C LYS A 223 -13.80 -36.20 16.83
N LYS A 224 -14.63 -35.86 17.80
CA LYS A 224 -14.99 -34.46 17.99
C LYS A 224 -13.76 -33.75 18.55
N ARG A 225 -13.54 -32.53 18.08
CA ARG A 225 -12.39 -31.71 18.50
C ARG A 225 -12.78 -30.24 18.40
N PRO A 226 -12.10 -29.36 19.15
CA PRO A 226 -12.44 -27.94 19.07
C PRO A 226 -12.26 -27.40 17.66
N ILE A 227 -13.12 -26.47 17.26
CA ILE A 227 -13.04 -25.86 15.94
C ILE A 227 -12.61 -24.40 15.97
N HIS A 228 -11.65 -24.07 15.10
CA HIS A 228 -11.17 -22.71 14.97
C HIS A 228 -11.65 -22.22 13.61
N LEU A 229 -12.43 -21.14 13.61
CA LEU A 229 -12.93 -20.59 12.37
C LEU A 229 -12.23 -19.28 12.08
N SER A 230 -11.43 -19.24 11.01
CA SER A 230 -10.75 -18.01 10.65
C SER A 230 -11.53 -17.48 9.46
N PHE A 231 -12.34 -16.46 9.70
CA PHE A 231 -13.17 -15.90 8.65
C PHE A 231 -12.61 -14.59 8.12
N ASP A 232 -12.16 -14.64 6.86
CA ASP A 232 -11.65 -13.46 6.19
C ASP A 232 -12.86 -12.93 5.45
N VAL A 233 -13.20 -11.67 5.69
CA VAL A 233 -14.37 -11.12 5.04
C VAL A 233 -14.27 -11.06 3.52
N ASP A 234 -13.07 -11.18 2.95
CA ASP A 234 -12.97 -11.15 1.50
C ASP A 234 -13.33 -12.51 0.92
N GLY A 235 -13.69 -13.45 1.80
CA GLY A 235 -14.12 -14.76 1.35
C GLY A 235 -15.48 -14.58 0.70
N LEU A 236 -16.24 -13.60 1.22
CA LEU A 236 -17.56 -13.29 0.69
C LEU A 236 -17.39 -12.37 -0.52
N ASP A 237 -18.39 -12.34 -1.39
CA ASP A 237 -18.33 -11.50 -2.58
C ASP A 237 -18.26 -10.02 -2.18
N PRO A 238 -17.49 -9.22 -2.93
CA PRO A 238 -17.38 -7.79 -2.61
C PRO A 238 -18.69 -7.00 -2.74
N SER A 239 -19.75 -7.67 -3.17
CA SER A 239 -21.05 -7.02 -3.27
C SER A 239 -21.60 -6.95 -1.85
N PHE A 240 -21.04 -7.78 -0.97
CA PHE A 240 -21.44 -7.81 0.43
C PHE A 240 -20.40 -7.20 1.36
N THR A 241 -19.13 -7.46 1.08
CA THR A 241 -18.04 -6.91 1.90
C THR A 241 -17.02 -6.19 1.02
N PRO A 242 -17.40 -5.02 0.46
CA PRO A 242 -16.52 -4.23 -0.40
C PRO A 242 -15.32 -3.58 0.27
N ALA A 243 -15.50 -3.12 1.50
CA ALA A 243 -14.42 -2.46 2.24
C ALA A 243 -13.41 -3.46 2.80
N THR A 244 -12.61 -4.03 1.90
CA THR A 244 -11.59 -5.00 2.27
C THR A 244 -10.45 -4.79 1.28
N GLY A 245 -9.22 -5.08 1.71
CA GLY A 245 -8.03 -4.85 0.88
C GLY A 245 -7.77 -5.68 -0.36
N THR A 246 -8.12 -6.95 -0.32
CA THR A 246 -7.89 -7.83 -1.48
C THR A 246 -9.19 -8.51 -1.90
N PRO A 247 -10.13 -7.72 -2.46
CA PRO A 247 -11.41 -8.28 -2.89
C PRO A 247 -11.28 -9.07 -4.19
N VAL A 248 -12.12 -10.09 -4.35
CA VAL A 248 -12.14 -10.91 -5.55
C VAL A 248 -13.61 -11.23 -5.89
N VAL A 249 -14.02 -10.91 -7.11
CA VAL A 249 -15.39 -11.14 -7.56
C VAL A 249 -15.74 -12.63 -7.57
N GLY A 250 -17.04 -12.92 -7.62
CA GLY A 250 -17.51 -14.30 -7.64
C GLY A 250 -17.33 -15.00 -6.31
N GLY A 251 -17.52 -14.26 -5.22
CA GLY A 251 -17.35 -14.84 -3.90
C GLY A 251 -18.58 -15.52 -3.34
N LEU A 252 -18.44 -15.97 -2.09
CA LEU A 252 -19.54 -16.62 -1.40
C LEU A 252 -20.60 -15.54 -1.16
N THR A 253 -21.87 -15.95 -1.19
CA THR A 253 -22.97 -15.02 -0.97
C THR A 253 -23.19 -14.79 0.52
N TYR A 254 -23.99 -13.76 0.83
CA TYR A 254 -24.35 -13.42 2.19
C TYR A 254 -24.96 -14.68 2.83
N ARG A 255 -25.91 -15.30 2.11
CA ARG A 255 -26.59 -16.51 2.56
C ARG A 255 -25.64 -17.66 2.85
N GLU A 256 -24.71 -17.92 1.92
CA GLU A 256 -23.73 -19.00 2.11
C GLU A 256 -22.86 -18.70 3.33
N GLY A 257 -22.53 -17.42 3.52
CA GLY A 257 -21.73 -17.02 4.67
C GLY A 257 -22.43 -17.35 5.97
N LEU A 258 -23.73 -17.03 6.04
CA LEU A 258 -24.53 -17.32 7.23
C LEU A 258 -24.76 -18.81 7.38
N TYR A 259 -24.84 -19.52 6.25
CA TYR A 259 -25.07 -20.96 6.29
C TYR A 259 -23.84 -21.63 6.91
N ILE A 260 -22.67 -21.22 6.44
CA ILE A 260 -21.40 -21.75 6.93
C ILE A 260 -21.37 -21.66 8.46
N THR A 261 -21.58 -20.44 8.95
CA THR A 261 -21.55 -20.17 10.37
C THR A 261 -22.67 -20.79 11.19
N GLU A 262 -23.88 -20.84 10.64
CA GLU A 262 -25.00 -21.45 11.35
C GLU A 262 -24.70 -22.91 11.59
N GLU A 263 -24.10 -23.56 10.59
CA GLU A 263 -23.75 -24.96 10.68
C GLU A 263 -22.62 -25.19 11.69
N ILE A 264 -21.62 -24.32 11.68
CA ILE A 264 -20.51 -24.44 12.62
C ILE A 264 -21.06 -24.27 14.04
N TYR A 265 -21.94 -23.31 14.22
CA TYR A 265 -22.53 -23.09 15.54
C TYR A 265 -23.21 -24.35 16.05
N LYS A 266 -24.05 -24.94 15.19
CA LYS A 266 -24.81 -26.13 15.53
C LYS A 266 -23.95 -27.32 15.98
N THR A 267 -22.67 -27.28 15.67
CA THR A 267 -21.78 -28.37 16.07
C THR A 267 -21.55 -28.31 17.59
N GLY A 268 -21.63 -27.10 18.13
CA GLY A 268 -21.40 -26.90 19.55
C GLY A 268 -19.92 -26.98 19.83
N LEU A 269 -19.12 -27.05 18.77
CA LEU A 269 -17.66 -27.14 18.90
C LEU A 269 -16.86 -25.90 18.55
N LEU A 270 -17.52 -24.79 18.21
CA LEU A 270 -16.77 -23.56 17.92
C LEU A 270 -15.94 -23.24 19.15
N SER A 271 -14.63 -23.06 18.94
CA SER A 271 -13.69 -22.80 20.02
C SER A 271 -12.94 -21.48 19.84
N GLY A 272 -12.68 -21.13 18.59
CA GLY A 272 -11.97 -19.89 18.30
C GLY A 272 -12.53 -19.28 17.02
N LEU A 273 -12.58 -17.95 16.99
CA LEU A 273 -13.12 -17.27 15.80
C LEU A 273 -12.32 -16.02 15.46
N ASP A 274 -12.09 -15.82 14.16
CA ASP A 274 -11.39 -14.64 13.66
C ASP A 274 -12.30 -13.96 12.64
N ILE A 275 -12.54 -12.66 12.82
CA ILE A 275 -13.34 -11.91 11.85
C ILE A 275 -12.31 -10.92 11.35
N MET A 276 -11.73 -11.19 10.18
CA MET A 276 -10.63 -10.39 9.65
C MET A 276 -10.80 -9.65 8.34
N GLU A 277 -9.88 -8.71 8.14
CA GLU A 277 -9.77 -7.88 6.93
C GLU A 277 -10.85 -6.85 6.64
N VAL A 278 -11.60 -6.44 7.65
CA VAL A 278 -12.61 -5.41 7.45
C VAL A 278 -11.82 -4.07 7.48
N ASN A 279 -11.82 -3.35 6.36
CA ASN A 279 -11.10 -2.07 6.28
C ASN A 279 -12.03 -0.93 5.85
N PRO A 280 -12.65 -0.25 6.84
CA PRO A 280 -13.57 0.85 6.54
C PRO A 280 -13.03 1.89 5.56
N SER A 281 -11.74 2.22 5.68
CA SER A 281 -11.09 3.21 4.82
C SER A 281 -11.14 2.89 3.33
N LEU A 282 -11.48 1.66 2.99
CA LEU A 282 -11.53 1.26 1.59
C LEU A 282 -12.93 1.23 0.98
N GLY A 283 -13.91 1.71 1.72
CA GLY A 283 -15.26 1.73 1.19
C GLY A 283 -15.41 2.92 0.25
N LYS A 284 -15.85 2.66 -0.98
CA LYS A 284 -16.03 3.73 -1.96
C LYS A 284 -17.09 4.72 -1.51
N THR A 285 -17.92 4.30 -0.55
CA THR A 285 -18.99 5.16 -0.03
C THR A 285 -19.29 4.81 1.43
N PRO A 286 -20.00 5.70 2.13
CA PRO A 286 -20.35 5.46 3.53
C PRO A 286 -21.19 4.20 3.64
N GLU A 287 -21.95 3.92 2.58
CA GLU A 287 -22.83 2.76 2.53
C GLU A 287 -22.06 1.44 2.32
N GLU A 288 -20.98 1.47 1.55
CA GLU A 288 -20.20 0.25 1.35
C GLU A 288 -19.56 -0.12 2.67
N VAL A 289 -19.20 0.88 3.46
CA VAL A 289 -18.58 0.66 4.77
C VAL A 289 -19.58 -0.02 5.70
N THR A 290 -20.77 0.56 5.81
CA THR A 290 -21.79 -0.02 6.68
C THR A 290 -22.25 -1.39 6.18
N ARG A 291 -22.25 -1.58 4.86
CA ARG A 291 -22.65 -2.85 4.29
C ARG A 291 -21.66 -3.94 4.68
N THR A 292 -20.37 -3.59 4.71
CA THR A 292 -19.31 -4.52 5.07
C THR A 292 -19.36 -4.84 6.55
N VAL A 293 -19.47 -3.81 7.37
CA VAL A 293 -19.54 -3.97 8.82
C VAL A 293 -20.79 -4.74 9.22
N ASN A 294 -21.93 -4.41 8.63
CA ASN A 294 -23.17 -5.09 8.98
C ASN A 294 -23.13 -6.59 8.64
N THR A 295 -22.52 -6.92 7.50
CA THR A 295 -22.40 -8.31 7.08
C THR A 295 -21.43 -9.02 8.02
N ALA A 296 -20.36 -8.33 8.41
CA ALA A 296 -19.36 -8.90 9.33
C ALA A 296 -20.00 -9.21 10.68
N VAL A 297 -20.91 -8.33 11.12
CA VAL A 297 -21.61 -8.53 12.39
C VAL A 297 -22.55 -9.74 12.30
N ALA A 298 -23.34 -9.80 11.22
CA ALA A 298 -24.29 -10.89 11.01
C ALA A 298 -23.60 -12.24 11.03
N ILE A 299 -22.44 -12.33 10.37
CA ILE A 299 -21.69 -13.57 10.33
C ILE A 299 -21.27 -13.95 11.75
N THR A 300 -20.79 -12.96 12.50
CA THR A 300 -20.36 -13.19 13.88
C THR A 300 -21.51 -13.70 14.75
N LEU A 301 -22.66 -13.03 14.67
CA LEU A 301 -23.83 -13.43 15.45
C LEU A 301 -24.28 -14.86 15.13
N ALA A 302 -24.20 -15.25 13.87
CA ALA A 302 -24.57 -16.61 13.45
C ALA A 302 -23.66 -17.63 14.11
N CYS A 303 -22.39 -17.27 14.29
CA CYS A 303 -21.43 -18.17 14.91
C CYS A 303 -21.82 -18.46 16.35
N PHE A 304 -22.58 -17.54 16.95
CA PHE A 304 -22.98 -17.69 18.34
C PHE A 304 -24.46 -17.96 18.59
N GLY A 305 -25.14 -18.54 17.61
CA GLY A 305 -26.54 -18.90 17.82
C GLY A 305 -27.67 -18.25 17.06
N LEU A 306 -27.46 -17.04 16.54
CA LEU A 306 -28.54 -16.37 15.82
C LEU A 306 -28.87 -17.20 14.55
N ALA A 307 -30.08 -17.78 14.52
CA ALA A 307 -30.54 -18.60 13.40
C ALA A 307 -31.59 -17.87 12.56
N ARG A 308 -31.55 -18.06 11.24
CA ARG A 308 -32.51 -17.41 10.35
C ARG A 308 -33.95 -17.91 10.50
N GLU A 309 -34.11 -19.13 11.01
CA GLU A 309 -35.44 -19.69 11.20
C GLU A 309 -36.04 -19.11 12.47
N GLY A 310 -35.21 -18.44 13.27
CA GLY A 310 -35.67 -17.84 14.51
C GLY A 310 -35.09 -18.54 15.73
N ASN A 311 -35.23 -17.89 16.88
CA ASN A 311 -34.74 -18.41 18.17
C ASN A 311 -35.80 -18.11 19.22
N HIS A 312 -35.87 -18.93 20.27
CA HIS A 312 -36.81 -18.69 21.36
C HIS A 312 -36.26 -19.26 22.64
N LYS A 313 -36.54 -18.59 23.76
CA LYS A 313 -36.05 -19.04 25.06
C LYS A 313 -36.87 -20.24 25.51
N PRO A 314 -36.35 -21.01 26.49
CA PRO A 314 -37.10 -22.18 26.97
C PRO A 314 -38.24 -21.84 27.92
N ILE A 315 -39.22 -21.11 27.41
CA ILE A 315 -40.38 -20.72 28.18
C ILE A 315 -41.61 -20.97 27.30
N ASP A 316 -42.79 -20.80 27.88
CA ASP A 316 -44.03 -21.00 27.15
C ASP A 316 -44.50 -19.62 26.68
N TYR A 317 -44.20 -19.29 25.43
CA TYR A 317 -44.55 -18.02 24.84
C TYR A 317 -46.06 -17.77 24.70
N LEU A 318 -46.83 -18.85 24.68
CA LEU A 318 -48.27 -18.73 24.58
C LEU A 318 -48.82 -18.64 25.98
N ASN A 319 -48.02 -19.11 26.94
CA ASN A 319 -48.35 -19.09 28.35
C ASN A 319 -49.66 -19.83 28.64
N ARG B 6 23.43 6.30 -23.72
CA ARG B 6 22.49 7.00 -22.81
C ARG B 6 22.05 8.35 -23.37
N THR B 7 21.14 8.32 -24.35
CA THR B 7 20.65 9.54 -24.98
C THR B 7 19.68 10.31 -24.07
N ILE B 8 19.68 11.63 -24.20
CA ILE B 8 18.82 12.49 -23.39
C ILE B 8 17.90 13.36 -24.25
N GLY B 9 16.73 13.68 -23.70
CA GLY B 9 15.78 14.51 -24.42
C GLY B 9 15.35 15.65 -23.52
N ILE B 10 16.01 16.81 -23.64
CA ILE B 10 15.67 17.96 -22.82
C ILE B 10 14.36 18.62 -23.23
N ILE B 11 13.58 19.01 -22.23
CA ILE B 11 12.30 19.67 -22.46
C ILE B 11 12.19 20.83 -21.48
N GLY B 12 12.07 22.05 -22.02
CA GLY B 12 11.92 23.21 -21.17
C GLY B 12 10.45 23.44 -20.88
N ALA B 13 10.09 23.62 -19.62
CA ALA B 13 8.70 23.84 -19.26
C ALA B 13 8.54 25.06 -18.38
N PRO B 14 8.64 26.26 -18.97
CA PRO B 14 8.51 27.52 -18.24
C PRO B 14 7.07 27.83 -17.81
N PHE B 15 6.60 27.13 -16.77
CA PHE B 15 5.24 27.28 -16.27
C PHE B 15 5.22 27.58 -14.77
N SER B 16 4.32 28.46 -14.33
CA SER B 16 4.24 28.83 -12.93
C SER B 16 2.83 28.78 -12.32
N LYS B 17 1.81 28.73 -13.16
CA LYS B 17 0.42 28.73 -12.72
C LYS B 17 0.00 27.71 -11.66
N GLY B 18 0.80 26.68 -11.44
CA GLY B 18 0.44 25.69 -10.43
C GLY B 18 0.66 26.24 -9.02
N GLN B 19 1.15 27.47 -8.93
CA GLN B 19 1.39 28.11 -7.65
C GLN B 19 1.47 29.64 -7.82
N PRO B 20 1.40 30.39 -6.71
CA PRO B 20 1.44 31.87 -6.64
C PRO B 20 2.61 32.67 -7.19
N ARG B 21 3.82 32.25 -6.84
CA ARG B 21 5.05 32.93 -7.27
C ARG B 21 5.48 32.68 -8.72
N GLY B 22 5.64 33.76 -9.48
CA GLY B 22 6.00 33.64 -10.89
C GLY B 22 7.41 33.30 -11.32
N GLY B 23 8.40 33.49 -10.47
CA GLY B 23 9.77 33.19 -10.87
C GLY B 23 10.13 31.81 -11.42
N VAL B 24 9.39 30.77 -11.04
CA VAL B 24 9.69 29.41 -11.50
C VAL B 24 9.73 29.24 -13.01
N GLU B 25 9.09 30.18 -13.71
CA GLU B 25 9.08 30.15 -15.18
C GLU B 25 10.51 30.31 -15.69
N GLU B 26 11.36 30.98 -14.91
CA GLU B 26 12.75 31.19 -15.30
C GLU B 26 13.63 29.97 -15.04
N GLY B 27 13.03 28.90 -14.54
CA GLY B 27 13.78 27.69 -14.25
C GLY B 27 14.54 27.10 -15.44
N PRO B 28 13.87 26.86 -16.58
CA PRO B 28 14.56 26.29 -17.74
C PRO B 28 15.71 27.17 -18.21
N THR B 29 15.49 28.48 -18.14
CA THR B 29 16.47 29.47 -18.57
C THR B 29 17.75 29.46 -17.76
N VAL B 30 17.65 29.65 -16.45
CA VAL B 30 18.83 29.68 -15.60
C VAL B 30 19.57 28.35 -15.57
N LEU B 31 18.85 27.25 -15.73
CA LEU B 31 19.46 25.92 -15.73
C LEU B 31 20.34 25.78 -16.95
N ARG B 32 19.82 26.25 -18.09
CA ARG B 32 20.57 26.21 -19.34
C ARG B 32 21.74 27.20 -19.31
N LYS B 33 21.54 28.36 -18.64
CA LYS B 33 22.59 29.38 -18.52
C LYS B 33 23.78 28.79 -17.78
N ALA B 34 23.48 27.92 -16.81
CA ALA B 34 24.51 27.28 -16.00
C ALA B 34 25.37 26.29 -16.77
N GLY B 35 25.00 26.05 -18.03
CA GLY B 35 25.76 25.14 -18.88
C GLY B 35 25.40 23.68 -18.73
N LEU B 36 24.13 23.42 -18.41
CA LEU B 36 23.63 22.05 -18.24
C LEU B 36 23.85 21.16 -19.46
N LEU B 37 23.56 21.68 -20.64
CA LEU B 37 23.70 20.87 -21.84
C LEU B 37 25.16 20.59 -22.15
N GLU B 38 26.00 21.63 -22.04
CA GLU B 38 27.43 21.44 -22.28
C GLU B 38 27.96 20.37 -21.34
N LYS B 39 27.62 20.50 -20.06
CA LYS B 39 28.06 19.55 -19.03
C LYS B 39 27.61 18.12 -19.27
N LEU B 40 26.40 17.95 -19.81
CA LEU B 40 25.88 16.62 -20.09
C LEU B 40 26.63 16.00 -21.27
N LYS B 41 26.87 16.79 -22.31
CA LYS B 41 27.59 16.30 -23.48
C LYS B 41 29.01 15.91 -23.10
N GLU B 42 29.53 16.54 -22.04
CA GLU B 42 30.87 16.25 -21.56
C GLU B 42 30.92 14.83 -20.99
N GLN B 43 29.84 14.43 -20.35
CA GLN B 43 29.74 13.09 -19.77
C GLN B 43 29.38 12.10 -20.88
N GLU B 44 28.97 10.90 -20.49
CA GLU B 44 28.58 9.91 -21.48
C GLU B 44 27.15 10.30 -21.85
N CYS B 45 27.02 11.30 -22.70
CA CYS B 45 25.69 11.74 -23.08
C CYS B 45 25.54 12.29 -24.48
N ASP B 46 24.50 11.80 -25.15
CA ASP B 46 24.13 12.23 -26.49
C ASP B 46 22.87 13.05 -26.24
N VAL B 47 23.04 14.37 -26.14
CA VAL B 47 21.94 15.28 -25.85
C VAL B 47 21.29 16.01 -27.02
N LYS B 48 19.95 15.96 -27.04
CA LYS B 48 19.14 16.63 -28.04
C LYS B 48 18.12 17.48 -27.30
N ASP B 49 18.18 18.79 -27.50
CA ASP B 49 17.25 19.70 -26.82
C ASP B 49 16.00 19.89 -27.66
N TYR B 50 14.84 19.69 -27.03
CA TYR B 50 13.56 19.86 -27.72
C TYR B 50 12.95 21.24 -27.41
N GLY B 51 13.81 22.18 -27.04
CA GLY B 51 13.36 23.53 -26.73
C GLY B 51 12.46 23.65 -25.52
N ASP B 52 11.87 24.83 -25.35
CA ASP B 52 10.96 25.11 -24.24
C ASP B 52 9.57 25.19 -24.82
N LEU B 53 8.63 24.43 -24.23
CA LEU B 53 7.27 24.43 -24.71
C LEU B 53 6.64 25.81 -24.60
N PRO B 54 5.81 26.18 -25.58
CA PRO B 54 5.14 27.48 -25.58
C PRO B 54 3.77 27.33 -24.95
N PHE B 55 3.64 27.79 -23.70
CA PHE B 55 2.39 27.70 -22.97
C PHE B 55 1.58 28.98 -23.15
N ALA B 56 0.69 28.98 -24.14
CA ALA B 56 -0.15 30.14 -24.41
C ALA B 56 -0.90 30.51 -23.14
N ASP B 57 -1.30 31.77 -23.06
CA ASP B 57 -2.03 32.23 -21.89
C ASP B 57 -3.52 31.96 -22.09
N ILE B 58 -4.18 31.52 -21.01
CA ILE B 58 -5.61 31.27 -21.05
C ILE B 58 -6.25 32.42 -20.27
N PRO B 59 -6.64 33.49 -20.98
CA PRO B 59 -7.26 34.70 -20.43
C PRO B 59 -8.41 34.43 -19.47
N ASN B 60 -9.37 33.62 -19.91
CA ASN B 60 -10.52 33.28 -19.09
C ASN B 60 -10.30 31.94 -18.40
N ASP B 61 -9.65 31.96 -17.24
CA ASP B 61 -9.37 30.73 -16.49
C ASP B 61 -9.77 30.87 -15.01
N SER B 62 -11.07 30.99 -14.76
CA SER B 62 -11.58 31.12 -13.40
C SER B 62 -11.42 29.83 -12.61
N PRO B 63 -11.30 29.94 -11.28
CA PRO B 63 -11.13 28.80 -10.37
C PRO B 63 -12.14 27.66 -10.50
N PHE B 64 -11.85 26.58 -9.81
CA PHE B 64 -12.70 25.39 -9.73
C PHE B 64 -12.74 25.16 -8.22
N GLN B 65 -13.73 25.77 -7.56
CA GLN B 65 -13.85 25.68 -6.11
C GLN B 65 -12.70 26.58 -5.65
N ILE B 66 -11.75 26.05 -4.89
CA ILE B 66 -10.61 26.88 -4.45
C ILE B 66 -9.38 26.67 -5.34
N VAL B 67 -9.46 25.70 -6.25
CA VAL B 67 -8.35 25.40 -7.15
C VAL B 67 -8.18 26.46 -8.24
N LYS B 68 -7.04 27.15 -8.21
CA LYS B 68 -6.72 28.22 -9.15
C LYS B 68 -6.05 27.75 -10.44
N ASN B 69 -6.26 28.53 -11.51
CA ASN B 69 -5.69 28.27 -12.83
C ASN B 69 -5.78 26.81 -13.27
N PRO B 70 -6.99 26.22 -13.20
CA PRO B 70 -7.14 24.81 -13.61
C PRO B 70 -6.89 24.55 -15.09
N ARG B 71 -7.42 25.43 -15.94
CA ARG B 71 -7.26 25.28 -17.38
C ARG B 71 -5.83 25.51 -17.85
N SER B 72 -5.10 26.42 -17.20
CA SER B 72 -3.72 26.69 -17.58
C SER B 72 -2.82 25.52 -17.18
N VAL B 73 -3.01 25.03 -15.96
CA VAL B 73 -2.24 23.89 -15.45
C VAL B 73 -2.55 22.61 -16.21
N GLY B 74 -3.84 22.32 -16.40
CA GLY B 74 -4.20 21.12 -17.13
C GLY B 74 -3.70 21.15 -18.56
N LYS B 75 -3.77 22.33 -19.19
CA LYS B 75 -3.33 22.49 -20.57
C LYS B 75 -1.81 22.36 -20.73
N ALA B 76 -1.06 23.00 -19.83
CA ALA B 76 0.39 22.94 -19.87
C ALA B 76 0.88 21.50 -19.68
N SER B 77 0.19 20.75 -18.82
CA SER B 77 0.56 19.36 -18.56
C SER B 77 0.21 18.46 -19.75
N GLU B 78 -0.87 18.78 -20.44
CA GLU B 78 -1.28 17.99 -21.60
C GLU B 78 -0.26 18.17 -22.71
N GLN B 79 0.17 19.41 -22.89
CA GLN B 79 1.18 19.73 -23.90
C GLN B 79 2.45 18.95 -23.55
N LEU B 80 2.85 19.06 -22.29
CA LEU B 80 4.05 18.40 -21.79
C LEU B 80 4.01 16.88 -21.92
N ALA B 81 2.83 16.28 -21.70
CA ALA B 81 2.67 14.83 -21.79
C ALA B 81 2.88 14.33 -23.22
N GLY B 82 2.52 15.16 -24.19
CA GLY B 82 2.69 14.77 -25.57
C GLY B 82 4.15 14.82 -25.99
N LYS B 83 4.85 15.84 -25.51
CA LYS B 83 6.28 16.05 -25.83
C LYS B 83 7.17 14.99 -25.18
N VAL B 84 6.78 14.51 -24.00
CA VAL B 84 7.56 13.49 -23.31
C VAL B 84 7.42 12.17 -24.05
N ALA B 85 6.19 11.86 -24.46
CA ALA B 85 5.93 10.62 -25.19
C ALA B 85 6.79 10.65 -26.44
N GLU B 86 6.84 11.82 -27.10
CA GLU B 86 7.63 12.00 -28.30
C GLU B 86 9.08 11.63 -28.03
N VAL B 87 9.66 12.27 -27.01
CA VAL B 87 11.04 12.02 -26.60
C VAL B 87 11.23 10.56 -26.26
N LYS B 88 10.28 9.97 -25.54
CA LYS B 88 10.38 8.56 -25.17
C LYS B 88 10.35 7.66 -26.39
N LYS B 89 9.56 8.04 -27.39
CA LYS B 89 9.48 7.25 -28.63
C LYS B 89 10.75 7.38 -29.46
N ASN B 90 11.52 8.44 -29.21
CA ASN B 90 12.78 8.65 -29.92
C ASN B 90 13.92 7.91 -29.21
N GLY B 91 13.56 7.09 -28.22
CA GLY B 91 14.55 6.32 -27.47
C GLY B 91 15.47 7.15 -26.60
N ARG B 92 14.94 8.24 -26.06
CA ARG B 92 15.71 9.14 -25.20
C ARG B 92 15.10 9.27 -23.82
N ILE B 93 15.93 9.57 -22.83
CA ILE B 93 15.47 9.77 -21.47
C ILE B 93 14.94 11.20 -21.46
N SER B 94 13.67 11.39 -21.09
CA SER B 94 13.10 12.74 -21.06
C SER B 94 13.58 13.49 -19.83
N LEU B 95 14.08 14.69 -20.03
CA LEU B 95 14.59 15.52 -18.94
C LEU B 95 13.79 16.81 -18.94
N VAL B 96 12.80 16.88 -18.06
CA VAL B 96 11.94 18.05 -17.94
C VAL B 96 12.51 19.06 -16.94
N LEU B 97 12.88 20.24 -17.44
CA LEU B 97 13.40 21.32 -16.60
C LEU B 97 12.17 22.18 -16.41
N GLY B 98 11.52 22.07 -15.27
CA GLY B 98 10.31 22.82 -15.14
C GLY B 98 10.24 24.07 -14.30
N GLY B 99 8.99 24.45 -14.07
CA GLY B 99 8.64 25.55 -13.24
C GLY B 99 8.10 24.75 -12.09
N ASP B 100 6.81 24.93 -11.77
CA ASP B 100 6.21 24.22 -10.64
C ASP B 100 5.92 22.72 -10.86
N HIS B 101 5.82 21.99 -9.76
CA HIS B 101 5.59 20.54 -9.77
C HIS B 101 4.25 20.05 -10.34
N SER B 102 3.33 20.96 -10.64
CA SER B 102 2.04 20.55 -11.20
C SER B 102 2.29 19.90 -12.55
N LEU B 103 3.42 20.24 -13.15
CA LEU B 103 3.80 19.72 -14.45
C LEU B 103 4.02 18.21 -14.45
N ALA B 104 4.20 17.63 -13.27
CA ALA B 104 4.44 16.19 -13.14
C ALA B 104 3.30 15.36 -13.73
N ILE B 105 2.09 15.91 -13.69
CA ILE B 105 0.93 15.22 -14.26
C ILE B 105 1.26 14.92 -15.73
N GLY B 106 1.71 15.95 -16.43
CA GLY B 106 2.05 15.80 -17.84
C GLY B 106 3.30 14.96 -18.09
N SER B 107 4.37 15.23 -17.35
CA SER B 107 5.62 14.50 -17.49
C SER B 107 5.42 12.98 -17.31
N ILE B 108 4.79 12.59 -16.19
CA ILE B 108 4.54 11.20 -15.90
C ILE B 108 3.49 10.58 -16.85
N SER B 109 2.47 11.36 -17.20
CA SER B 109 1.43 10.86 -18.11
C SER B 109 2.02 10.52 -19.48
N GLY B 110 2.81 11.45 -20.04
CA GLY B 110 3.43 11.22 -21.33
C GLY B 110 4.43 10.08 -21.32
N HIS B 111 5.11 9.92 -20.18
CA HIS B 111 6.09 8.86 -20.02
C HIS B 111 5.37 7.50 -19.95
N ALA B 112 4.31 7.43 -19.17
CA ALA B 112 3.54 6.19 -19.03
C ALA B 112 2.82 5.74 -20.30
N ARG B 113 2.71 6.64 -21.27
CA ARG B 113 2.06 6.32 -22.54
C ARG B 113 2.93 5.36 -23.32
N VAL B 114 4.24 5.58 -23.25
CA VAL B 114 5.20 4.74 -23.95
C VAL B 114 5.65 3.58 -23.05
N HIS B 115 5.79 3.87 -21.76
CA HIS B 115 6.23 2.85 -20.80
C HIS B 115 5.25 2.80 -19.62
N PRO B 116 4.08 2.16 -19.82
CA PRO B 116 3.05 2.03 -18.80
C PRO B 116 3.45 1.26 -17.54
N ASP B 117 4.59 0.58 -17.61
CA ASP B 117 5.07 -0.21 -16.47
C ASP B 117 6.03 0.57 -15.54
N LEU B 118 6.25 1.84 -15.85
CA LEU B 118 7.16 2.68 -15.08
C LEU B 118 6.87 2.76 -13.57
N GLY B 119 7.93 2.91 -12.79
CA GLY B 119 7.80 3.04 -11.35
C GLY B 119 8.25 4.46 -11.05
N VAL B 120 7.70 5.08 -10.01
CA VAL B 120 8.03 6.47 -9.69
C VAL B 120 8.75 6.69 -8.36
N ILE B 121 9.79 7.53 -8.41
CA ILE B 121 10.56 7.92 -7.21
C ILE B 121 10.31 9.43 -7.13
N TRP B 122 9.71 9.86 -6.03
CA TRP B 122 9.36 11.26 -5.82
C TRP B 122 10.16 11.88 -4.67
N VAL B 123 11.21 12.62 -5.01
CA VAL B 123 12.06 13.27 -4.02
C VAL B 123 11.43 14.63 -3.74
N ASP B 124 10.99 14.83 -2.51
CA ASP B 124 10.29 16.07 -2.20
C ASP B 124 10.07 16.22 -0.70
N ALA B 125 9.86 17.46 -0.26
CA ALA B 125 9.57 17.71 1.14
C ALA B 125 8.07 17.49 1.28
N HIS B 126 7.37 17.50 0.14
CA HIS B 126 5.91 17.32 0.09
C HIS B 126 5.45 16.10 -0.71
N THR B 127 4.25 15.60 -0.40
CA THR B 127 3.69 14.47 -1.12
C THR B 127 3.00 14.93 -2.41
N ASP B 128 2.58 16.20 -2.43
CA ASP B 128 1.90 16.76 -3.59
C ASP B 128 0.76 15.84 -4.04
N ILE B 129 0.03 15.29 -3.06
CA ILE B 129 -1.05 14.36 -3.37
C ILE B 129 -2.44 14.86 -2.95
N ASN B 130 -2.58 16.16 -2.71
CA ASN B 130 -3.88 16.70 -2.36
C ASN B 130 -4.79 16.55 -3.56
N THR B 131 -6.10 16.35 -3.32
CA THR B 131 -7.05 16.24 -4.42
C THR B 131 -7.69 17.61 -4.48
N PRO B 132 -8.48 17.88 -5.54
CA PRO B 132 -9.13 19.20 -5.64
C PRO B 132 -10.05 19.48 -4.46
N LEU B 133 -10.40 18.43 -3.73
CA LEU B 133 -11.29 18.53 -2.59
C LEU B 133 -10.62 18.51 -1.23
N THR B 134 -9.34 18.12 -1.17
CA THR B 134 -8.64 18.10 0.12
C THR B 134 -7.68 19.28 0.25
N THR B 135 -7.35 19.88 -0.89
CA THR B 135 -6.43 21.01 -0.89
C THR B 135 -6.99 22.18 -0.10
N THR B 136 -6.13 22.88 0.62
CA THR B 136 -6.59 24.01 1.40
C THR B 136 -6.12 25.29 0.75
N SER B 137 -4.98 25.23 0.07
CA SER B 137 -4.41 26.40 -0.59
C SER B 137 -4.94 26.58 -2.02
N GLY B 138 -5.37 25.48 -2.64
CA GLY B 138 -5.89 25.55 -4.00
C GLY B 138 -4.83 25.56 -5.08
N ASN B 139 -3.56 25.45 -4.68
CA ASN B 139 -2.47 25.46 -5.64
C ASN B 139 -2.27 24.07 -6.24
N LEU B 140 -2.35 24.00 -7.57
CA LEU B 140 -2.21 22.73 -8.28
C LEU B 140 -0.87 22.02 -8.21
N HIS B 141 0.20 22.73 -7.84
CA HIS B 141 1.51 22.08 -7.74
C HIS B 141 1.57 21.22 -6.49
N GLY B 142 0.47 21.23 -5.73
CA GLY B 142 0.38 20.43 -4.52
C GLY B 142 -0.63 19.31 -4.66
N GLN B 143 -1.03 19.01 -5.89
CA GLN B 143 -2.01 17.96 -6.19
C GLN B 143 -1.63 17.06 -7.38
N PRO B 144 -0.43 17.24 -7.97
CA PRO B 144 -0.11 16.37 -9.12
C PRO B 144 -0.34 14.86 -8.98
N VAL B 145 0.13 14.28 -7.87
CA VAL B 145 0.00 12.84 -7.68
C VAL B 145 -1.44 12.32 -7.63
N SER B 146 -2.37 13.10 -7.09
CA SER B 146 -3.76 12.63 -7.02
C SER B 146 -4.35 12.39 -8.40
N PHE B 147 -4.01 13.25 -9.36
CA PHE B 147 -4.51 13.13 -10.73
C PHE B 147 -3.91 11.92 -11.44
N LEU B 148 -2.79 11.42 -10.93
CA LEU B 148 -2.11 10.28 -11.53
C LEU B 148 -2.46 8.93 -10.91
N LEU B 149 -2.80 8.91 -9.62
CA LEU B 149 -3.12 7.65 -8.95
C LEU B 149 -4.42 7.02 -9.40
N LYS B 150 -4.35 5.75 -9.76
CA LYS B 150 -5.54 5.00 -10.19
C LYS B 150 -6.51 4.78 -9.05
N GLU B 151 -5.97 4.60 -7.84
CA GLU B 151 -6.77 4.36 -6.64
C GLU B 151 -7.54 5.58 -6.18
N LEU B 152 -7.14 6.77 -6.64
CA LEU B 152 -7.81 8.00 -6.26
C LEU B 152 -8.81 8.43 -7.31
N LYS B 153 -8.94 7.60 -8.35
CA LYS B 153 -9.89 7.88 -9.42
C LYS B 153 -11.26 7.65 -8.79
N GLY B 154 -12.06 8.70 -8.74
CA GLY B 154 -13.37 8.63 -8.13
C GLY B 154 -13.41 9.66 -7.02
N LYS B 155 -12.24 10.08 -6.56
CA LYS B 155 -12.12 11.09 -5.53
C LYS B 155 -11.73 12.43 -6.16
N ILE B 156 -11.31 12.37 -7.43
CA ILE B 156 -10.92 13.56 -8.17
C ILE B 156 -12.11 14.06 -9.00
N PRO B 157 -12.69 15.22 -8.63
CA PRO B 157 -13.83 15.78 -9.36
C PRO B 157 -13.41 16.18 -10.75
N ASP B 158 -14.37 16.37 -11.65
CA ASP B 158 -14.04 16.79 -13.00
C ASP B 158 -13.59 18.25 -12.93
N VAL B 159 -12.29 18.47 -13.09
CA VAL B 159 -11.71 19.82 -13.05
C VAL B 159 -11.43 20.29 -14.47
N PRO B 160 -11.94 21.47 -14.83
CA PRO B 160 -11.72 22.01 -16.17
C PRO B 160 -10.26 21.95 -16.60
N GLY B 161 -10.01 21.34 -17.76
CA GLY B 161 -8.66 21.24 -18.28
C GLY B 161 -7.95 19.91 -18.08
N PHE B 162 -8.56 19.00 -17.33
CA PHE B 162 -7.94 17.70 -17.08
C PHE B 162 -8.72 16.49 -17.59
N SER B 163 -9.60 16.70 -18.56
CA SER B 163 -10.36 15.58 -19.08
C SER B 163 -9.43 14.59 -19.75
N TRP B 164 -8.37 15.10 -20.37
CA TRP B 164 -7.40 14.26 -21.07
C TRP B 164 -6.66 13.28 -20.16
N VAL B 165 -6.69 13.54 -18.86
CA VAL B 165 -5.97 12.70 -17.90
C VAL B 165 -6.60 11.37 -17.50
N THR B 166 -5.82 10.31 -17.63
CA THR B 166 -6.24 8.96 -17.25
C THR B 166 -5.21 8.47 -16.24
N PRO B 167 -5.64 8.16 -15.00
CA PRO B 167 -4.72 7.67 -13.96
C PRO B 167 -3.79 6.63 -14.57
N CYS B 168 -2.48 6.87 -14.47
CA CYS B 168 -1.50 5.96 -15.07
C CYS B 168 -0.57 5.22 -14.12
N ILE B 169 -0.62 5.54 -12.83
CA ILE B 169 0.24 4.85 -11.89
C ILE B 169 -0.56 4.37 -10.69
N SER B 170 -0.24 3.15 -10.25
CA SER B 170 -0.89 2.55 -9.11
C SER B 170 -0.15 2.94 -7.82
N ALA B 171 -0.88 2.95 -6.72
CA ALA B 171 -0.30 3.32 -5.43
C ALA B 171 0.96 2.51 -5.05
N LYS B 172 1.01 1.26 -5.52
CA LYS B 172 2.13 0.38 -5.22
C LYS B 172 3.39 0.64 -6.04
N ASP B 173 3.29 1.50 -7.05
CA ASP B 173 4.45 1.78 -7.92
C ASP B 173 5.14 3.12 -7.75
N ILE B 174 5.00 3.72 -6.59
CA ILE B 174 5.63 5.00 -6.33
C ILE B 174 6.27 5.00 -4.95
N VAL B 175 7.40 5.69 -4.84
CA VAL B 175 8.09 5.81 -3.57
C VAL B 175 8.48 7.26 -3.31
N TYR B 176 8.16 7.73 -2.12
CA TYR B 176 8.48 9.09 -1.69
C TYR B 176 9.77 9.09 -0.87
N ILE B 177 10.57 10.14 -1.03
CA ILE B 177 11.81 10.28 -0.27
C ILE B 177 12.00 11.75 0.11
N GLY B 178 12.12 12.02 1.41
CA GLY B 178 12.34 13.40 1.86
C GLY B 178 11.18 14.14 2.47
N LEU B 179 10.03 13.50 2.60
CA LEU B 179 8.84 14.14 3.16
C LEU B 179 9.04 14.79 4.54
N ARG B 180 8.55 16.02 4.69
CA ARG B 180 8.65 16.70 5.98
C ARG B 180 7.59 17.81 6.22
N ASP B 181 6.64 17.92 5.28
CA ASP B 181 5.53 18.87 5.37
C ASP B 181 4.36 18.30 4.57
N VAL B 182 3.68 17.32 5.17
CA VAL B 182 2.53 16.64 4.56
C VAL B 182 1.23 17.13 5.22
N ASP B 183 0.22 17.45 4.41
CA ASP B 183 -1.05 17.93 4.93
C ASP B 183 -1.87 16.78 5.55
N PRO B 184 -2.76 17.08 6.50
CA PRO B 184 -3.58 16.04 7.14
C PRO B 184 -4.20 15.05 6.15
N GLY B 185 -4.89 15.58 5.14
CA GLY B 185 -5.53 14.76 4.14
C GLY B 185 -4.53 13.93 3.34
N GLU B 186 -3.40 14.54 3.01
CA GLU B 186 -2.36 13.83 2.28
C GLU B 186 -1.82 12.65 3.07
N HIS B 187 -1.70 12.82 4.39
CA HIS B 187 -1.19 11.74 5.25
C HIS B 187 -2.22 10.62 5.32
N TYR B 188 -3.51 10.99 5.37
CA TYR B 188 -4.58 10.01 5.41
C TYR B 188 -4.53 9.17 4.14
N ILE B 189 -4.27 9.82 3.01
CA ILE B 189 -4.18 9.13 1.74
C ILE B 189 -2.97 8.20 1.72
N LEU B 190 -1.82 8.70 2.16
CA LEU B 190 -0.60 7.88 2.19
C LEU B 190 -0.86 6.58 2.93
N LYS B 191 -1.28 6.75 4.19
CA LYS B 191 -1.57 5.64 5.09
C LYS B 191 -2.67 4.70 4.63
N THR B 192 -3.77 5.27 4.16
CA THR B 192 -4.92 4.50 3.70
C THR B 192 -4.59 3.65 2.46
N LEU B 193 -3.94 4.27 1.48
CA LEU B 193 -3.58 3.57 0.24
C LEU B 193 -2.30 2.76 0.37
N GLY B 194 -1.57 2.98 1.45
CA GLY B 194 -0.34 2.25 1.68
C GLY B 194 0.78 2.60 0.73
N ILE B 195 0.91 3.88 0.41
CA ILE B 195 1.96 4.34 -0.49
C ILE B 195 3.30 4.38 0.25
N LYS B 196 4.29 3.72 -0.33
CA LYS B 196 5.62 3.63 0.23
C LYS B 196 6.30 5.00 0.35
N TYR B 197 6.86 5.29 1.52
CA TYR B 197 7.53 6.57 1.72
C TYR B 197 8.65 6.48 2.75
N PHE B 198 9.64 7.34 2.55
CA PHE B 198 10.77 7.47 3.46
C PHE B 198 10.79 8.94 3.81
N SER B 199 10.06 9.32 4.86
CA SER B 199 10.04 10.73 5.25
C SER B 199 11.40 11.00 5.88
N MET B 200 11.68 12.26 6.19
CA MET B 200 12.95 12.59 6.81
C MET B 200 13.19 11.75 8.04
N THR B 201 12.12 11.32 8.69
CA THR B 201 12.22 10.47 9.88
C THR B 201 12.88 9.14 9.51
N GLU B 202 12.43 8.52 8.42
CA GLU B 202 12.99 7.24 7.96
C GLU B 202 14.41 7.43 7.43
N VAL B 203 14.68 8.56 6.80
CA VAL B 203 16.02 8.85 6.29
C VAL B 203 16.98 8.95 7.49
N ASP B 204 16.53 9.61 8.55
CA ASP B 204 17.33 9.75 9.75
C ASP B 204 17.58 8.40 10.41
N ARG B 205 16.55 7.58 10.41
CA ARG B 205 16.60 6.26 11.02
C ARG B 205 17.50 5.27 10.29
N LEU B 206 17.26 5.12 8.99
CA LEU B 206 17.98 4.19 8.16
C LEU B 206 19.29 4.66 7.53
N GLY B 207 19.40 5.96 7.28
CA GLY B 207 20.57 6.48 6.61
C GLY B 207 20.17 6.40 5.14
N ILE B 208 20.65 7.34 4.33
CA ILE B 208 20.28 7.36 2.92
C ILE B 208 20.71 6.10 2.19
N GLY B 209 21.72 5.43 2.71
CA GLY B 209 22.20 4.20 2.09
C GLY B 209 21.13 3.12 2.06
N LYS B 210 20.61 2.78 3.24
CA LYS B 210 19.58 1.76 3.32
C LYS B 210 18.28 2.25 2.67
N VAL B 211 18.04 3.56 2.69
CA VAL B 211 16.84 4.11 2.08
C VAL B 211 16.78 3.80 0.59
N MET B 212 17.91 3.92 -0.10
CA MET B 212 17.97 3.66 -1.54
C MET B 212 17.93 2.17 -1.86
N GLU B 213 18.52 1.36 -1.00
CA GLU B 213 18.51 -0.09 -1.23
C GLU B 213 17.07 -0.58 -1.10
N GLU B 214 16.37 -0.10 -0.07
CA GLU B 214 14.98 -0.48 0.16
C GLU B 214 14.02 0.10 -0.90
N THR B 215 14.27 1.34 -1.32
CA THR B 215 13.45 1.97 -2.34
C THR B 215 13.57 1.19 -3.65
N LEU B 216 14.80 0.93 -4.07
CA LEU B 216 15.04 0.22 -5.32
C LEU B 216 14.56 -1.22 -5.28
N SER B 217 14.66 -1.87 -4.13
CA SER B 217 14.20 -3.24 -4.02
C SER B 217 12.67 -3.26 -4.09
N TYR B 218 12.04 -2.27 -3.46
CA TYR B 218 10.60 -2.16 -3.46
C TYR B 218 10.05 -1.94 -4.87
N LEU B 219 10.74 -1.14 -5.66
CA LEU B 219 10.29 -0.86 -7.02
C LEU B 219 10.77 -1.84 -8.09
N LEU B 220 11.95 -2.42 -7.91
CA LEU B 220 12.49 -3.32 -8.92
C LEU B 220 12.54 -4.80 -8.53
N GLY B 221 12.00 -5.13 -7.36
CA GLY B 221 12.00 -6.51 -6.91
C GLY B 221 11.22 -7.39 -7.88
N ARG B 222 9.92 -7.12 -8.01
CA ARG B 222 9.04 -7.87 -8.92
C ARG B 222 9.73 -8.12 -10.26
N LYS B 223 10.17 -7.03 -10.90
CA LYS B 223 10.85 -7.11 -12.19
C LYS B 223 11.48 -5.77 -12.52
N LYS B 224 12.41 -5.75 -13.46
CA LYS B 224 13.03 -4.51 -13.86
C LYS B 224 12.04 -3.75 -14.75
N ARG B 225 11.89 -2.46 -14.50
CA ARG B 225 10.98 -1.63 -15.30
C ARG B 225 11.42 -0.16 -15.22
N PRO B 226 11.02 0.64 -16.22
CA PRO B 226 11.37 2.06 -16.29
C PRO B 226 11.18 2.82 -14.98
N ILE B 227 12.08 3.77 -14.73
CA ILE B 227 12.02 4.60 -13.54
C ILE B 227 11.82 6.06 -13.88
N HIS B 228 10.85 6.70 -13.23
CA HIS B 228 10.61 8.11 -13.44
C HIS B 228 10.97 8.80 -12.14
N LEU B 229 12.00 9.63 -12.18
CA LEU B 229 12.42 10.39 -11.00
C LEU B 229 11.90 11.82 -11.10
N SER B 230 11.01 12.19 -10.19
CA SER B 230 10.48 13.55 -10.18
C SER B 230 11.17 14.23 -8.99
N PHE B 231 12.17 15.03 -9.31
CA PHE B 231 12.95 15.72 -8.30
C PHE B 231 12.54 17.19 -8.04
N ASP B 232 11.99 17.43 -6.85
CA ASP B 232 11.59 18.77 -6.44
C ASP B 232 12.76 19.29 -5.62
N VAL B 233 13.36 20.39 -6.06
CA VAL B 233 14.51 20.95 -5.35
C VAL B 233 14.21 21.29 -3.90
N ASP B 234 12.93 21.45 -3.54
CA ASP B 234 12.63 21.75 -2.15
C ASP B 234 12.69 20.49 -1.30
N GLY B 235 13.13 19.40 -1.93
CA GLY B 235 13.30 18.15 -1.21
C GLY B 235 14.59 18.27 -0.43
N LEU B 236 15.54 19.03 -0.97
CA LEU B 236 16.82 19.27 -0.31
C LEU B 236 16.65 20.46 0.64
N ASP B 237 17.46 20.49 1.70
CA ASP B 237 17.39 21.56 2.68
C ASP B 237 17.60 22.94 2.07
N PRO B 238 16.85 23.94 2.55
CA PRO B 238 16.99 25.29 2.01
C PRO B 238 18.39 25.92 2.11
N SER B 239 19.30 25.27 2.81
CA SER B 239 20.67 25.78 2.95
C SER B 239 21.45 25.43 1.67
N PHE B 240 20.86 24.57 0.84
CA PHE B 240 21.45 24.14 -0.42
C PHE B 240 20.61 24.64 -1.59
N THR B 241 19.29 24.66 -1.41
CA THR B 241 18.38 25.10 -2.47
C THR B 241 17.36 26.14 -1.97
N PRO B 242 17.86 27.31 -1.55
CA PRO B 242 17.04 28.42 -1.05
C PRO B 242 16.06 29.02 -2.04
N ALA B 243 16.45 29.11 -3.30
CA ALA B 243 15.61 29.71 -4.33
C ALA B 243 14.48 28.78 -4.80
N THR B 244 13.49 28.60 -3.95
CA THR B 244 12.35 27.73 -4.24
C THR B 244 11.12 28.26 -3.47
N GLY B 245 9.94 28.09 -4.07
CA GLY B 245 8.70 28.59 -3.48
C GLY B 245 8.22 28.09 -2.13
N THR B 246 8.34 26.79 -1.88
CA THR B 246 7.90 26.23 -0.61
C THR B 246 9.03 25.46 0.08
N PRO B 247 9.98 26.19 0.68
CA PRO B 247 11.10 25.55 1.37
C PRO B 247 10.69 25.09 2.76
N VAL B 248 11.30 24.00 3.23
CA VAL B 248 11.01 23.43 4.53
C VAL B 248 12.34 23.01 5.19
N VAL B 249 12.56 23.44 6.42
CA VAL B 249 13.78 23.13 7.15
C VAL B 249 13.96 21.63 7.43
N GLY B 250 15.20 21.24 7.71
CA GLY B 250 15.50 19.85 8.01
C GLY B 250 15.44 18.91 6.82
N GLY B 251 15.78 19.41 5.64
CA GLY B 251 15.71 18.59 4.45
C GLY B 251 16.90 17.71 4.16
N LEU B 252 16.92 17.14 2.95
CA LEU B 252 18.00 16.27 2.50
C LEU B 252 19.25 17.12 2.25
N THR B 253 20.41 16.55 2.56
CA THR B 253 21.66 17.27 2.36
C THR B 253 22.10 17.17 0.91
N TYR B 254 23.08 18.00 0.55
CA TYR B 254 23.64 18.02 -0.78
C TYR B 254 24.11 16.60 -1.10
N ARG B 255 24.88 16.03 -0.19
CA ARG B 255 25.40 14.65 -0.34
C ARG B 255 24.30 13.60 -0.53
N GLU B 256 23.20 13.71 0.22
CA GLU B 256 22.10 12.76 0.12
C GLU B 256 21.41 12.86 -1.24
N GLY B 257 21.31 14.08 -1.77
CA GLY B 257 20.69 14.28 -3.07
C GLY B 257 21.52 13.61 -4.14
N LEU B 258 22.84 13.79 -4.07
CA LEU B 258 23.75 13.18 -5.03
C LEU B 258 23.76 11.68 -4.88
N TYR B 259 23.61 11.18 -3.65
CA TYR B 259 23.61 9.73 -3.43
C TYR B 259 22.39 9.08 -4.08
N ILE B 260 21.23 9.71 -3.85
CA ILE B 260 19.97 9.24 -4.41
C ILE B 260 20.09 9.11 -5.91
N THR B 261 20.52 10.19 -6.54
CA THR B 261 20.67 10.25 -7.99
C THR B 261 21.77 9.35 -8.54
N GLU B 262 22.85 9.16 -7.79
CA GLU B 262 23.95 8.27 -8.21
C GLU B 262 23.49 6.82 -8.20
N GLU B 263 22.64 6.46 -7.23
CA GLU B 263 22.12 5.10 -7.14
C GLU B 263 21.09 4.82 -8.22
N ILE B 264 20.29 5.83 -8.56
CA ILE B 264 19.28 5.65 -9.59
C ILE B 264 19.97 5.46 -10.94
N TYR B 265 21.06 6.20 -11.17
CA TYR B 265 21.80 6.09 -12.41
C TYR B 265 22.32 4.66 -12.62
N LYS B 266 22.91 4.08 -11.58
CA LYS B 266 23.49 2.75 -11.69
C LYS B 266 22.52 1.60 -11.93
N THR B 267 21.23 1.84 -11.76
CA THR B 267 20.24 0.79 -12.03
C THR B 267 20.19 0.66 -13.54
N GLY B 268 20.51 1.75 -14.22
CA GLY B 268 20.46 1.76 -15.66
C GLY B 268 19.02 1.77 -16.13
N LEU B 269 18.09 2.12 -15.24
CA LEU B 269 16.68 2.15 -15.60
C LEU B 269 16.02 3.52 -15.64
N LEU B 270 16.81 4.58 -15.43
CA LEU B 270 16.25 5.92 -15.48
C LEU B 270 15.63 6.08 -16.87
N SER B 271 14.37 6.53 -16.92
CA SER B 271 13.68 6.70 -18.19
C SER B 271 13.10 8.11 -18.33
N GLY B 272 12.82 8.74 -17.19
CA GLY B 272 12.27 10.08 -17.21
C GLY B 272 12.75 10.82 -15.98
N LEU B 273 13.00 12.12 -16.11
CA LEU B 273 13.48 12.90 -14.98
C LEU B 273 12.85 14.28 -14.97
N ASP B 274 12.57 14.78 -13.77
CA ASP B 274 12.00 16.12 -13.62
C ASP B 274 12.88 16.88 -12.64
N ILE B 275 13.21 18.12 -13.00
CA ILE B 275 13.99 19.00 -12.13
C ILE B 275 13.05 20.18 -11.93
N MET B 276 12.27 20.15 -10.85
CA MET B 276 11.28 21.17 -10.58
C MET B 276 11.51 22.14 -9.43
N GLU B 277 10.66 23.17 -9.44
CA GLU B 277 10.61 24.22 -8.44
C GLU B 277 11.81 25.14 -8.22
N VAL B 278 12.66 25.29 -9.23
CA VAL B 278 13.77 26.21 -9.09
C VAL B 278 13.20 27.60 -9.44
N ASN B 279 13.26 28.53 -8.50
CA ASN B 279 12.73 29.87 -8.74
C ASN B 279 13.77 30.93 -8.43
N PRO B 280 14.59 31.29 -9.43
CA PRO B 280 15.65 32.28 -9.28
C PRO B 280 15.23 33.56 -8.55
N SER B 281 14.04 34.05 -8.85
CA SER B 281 13.49 35.27 -8.27
C SER B 281 13.31 35.22 -6.75
N LEU B 282 13.38 34.03 -6.17
CA LEU B 282 13.20 33.88 -4.73
C LEU B 282 14.50 33.69 -3.95
N GLY B 283 15.63 33.72 -4.65
CA GLY B 283 16.90 33.61 -3.97
C GLY B 283 17.11 34.99 -3.38
N LYS B 284 17.38 35.06 -2.08
CA LYS B 284 17.57 36.35 -1.44
C LYS B 284 18.80 37.12 -1.94
N THR B 285 19.83 36.38 -2.34
CA THR B 285 21.04 37.00 -2.87
C THR B 285 21.39 36.29 -4.17
N PRO B 286 22.15 36.96 -5.05
CA PRO B 286 22.51 36.31 -6.31
C PRO B 286 23.28 35.02 -6.02
N GLU B 287 23.85 34.94 -4.81
CA GLU B 287 24.59 33.77 -4.38
C GLU B 287 23.63 32.62 -4.06
N GLU B 288 22.47 32.94 -3.50
CA GLU B 288 21.48 31.90 -3.19
C GLU B 288 20.94 31.32 -4.48
N VAL B 289 20.92 32.15 -5.53
CA VAL B 289 20.43 31.71 -6.82
C VAL B 289 21.41 30.73 -7.44
N THR B 290 22.68 31.12 -7.56
CA THR B 290 23.67 30.23 -8.14
C THR B 290 23.79 28.95 -7.32
N ARG B 291 23.66 29.07 -6.01
CA ARG B 291 23.75 27.92 -5.11
C ARG B 291 22.66 26.91 -5.46
N THR B 292 21.45 27.43 -5.62
CA THR B 292 20.31 26.59 -5.95
C THR B 292 20.47 26.02 -7.36
N VAL B 293 20.78 26.90 -8.32
CA VAL B 293 20.98 26.47 -9.71
C VAL B 293 22.09 25.44 -9.81
N ASN B 294 23.27 25.74 -9.25
CA ASN B 294 24.39 24.81 -9.32
C ASN B 294 24.10 23.47 -8.65
N THR B 295 23.33 23.48 -7.58
CA THR B 295 22.99 22.23 -6.91
C THR B 295 22.07 21.43 -7.80
N ALA B 296 21.11 22.10 -8.42
CA ALA B 296 20.16 21.45 -9.32
C ALA B 296 20.92 20.80 -10.48
N VAL B 297 21.89 21.53 -11.03
CA VAL B 297 22.69 21.03 -12.15
C VAL B 297 23.52 19.82 -11.72
N ALA B 298 24.08 19.88 -10.50
CA ALA B 298 24.88 18.78 -9.96
C ALA B 298 24.02 17.54 -9.82
N ILE B 299 22.80 17.72 -9.32
CA ILE B 299 21.84 16.64 -9.13
C ILE B 299 21.53 15.96 -10.47
N THR B 300 21.25 16.78 -11.47
CA THR B 300 20.92 16.29 -12.80
C THR B 300 22.08 15.49 -13.40
N LEU B 301 23.30 16.03 -13.30
CA LEU B 301 24.48 15.37 -13.83
C LEU B 301 24.73 13.98 -13.20
N ALA B 302 24.38 13.82 -11.93
CA ALA B 302 24.54 12.54 -11.23
C ALA B 302 23.56 11.51 -11.79
N CYS B 303 22.42 12.00 -12.27
CA CYS B 303 21.40 11.12 -12.84
C CYS B 303 21.90 10.53 -14.14
N PHE B 304 22.87 11.19 -14.75
CA PHE B 304 23.40 10.73 -16.03
C PHE B 304 24.83 10.21 -15.98
N GLY B 305 25.24 9.66 -14.84
CA GLY B 305 26.56 9.08 -14.74
C GLY B 305 27.68 9.78 -14.01
N LEU B 306 27.55 11.08 -13.72
CA LEU B 306 28.61 11.75 -13.00
C LEU B 306 28.70 11.17 -11.59
N ALA B 307 29.80 10.51 -11.31
CA ALA B 307 30.04 9.87 -10.01
C ALA B 307 31.17 10.56 -9.23
N ARG B 308 30.97 10.69 -7.92
CA ARG B 308 31.96 11.34 -7.08
C ARG B 308 33.29 10.58 -6.97
N GLU B 309 33.26 9.26 -7.15
CA GLU B 309 34.49 8.48 -7.06
C GLU B 309 35.36 8.74 -8.29
N GLY B 310 34.75 9.36 -9.30
CA GLY B 310 35.45 9.67 -10.53
C GLY B 310 34.79 9.02 -11.73
N ASN B 311 35.28 9.35 -12.92
CA ASN B 311 34.77 8.82 -14.18
C ASN B 311 35.94 8.77 -15.17
N HIS B 312 35.91 7.81 -16.08
CA HIS B 312 36.97 7.74 -17.08
C HIS B 312 36.44 7.02 -18.32
N LYS B 313 36.94 7.42 -19.48
CA LYS B 313 36.50 6.83 -20.75
C LYS B 313 37.20 5.50 -21.00
N PRO B 314 36.59 4.66 -21.85
CA PRO B 314 37.12 3.33 -22.20
C PRO B 314 38.49 3.31 -22.88
N ILE B 315 39.24 4.40 -22.73
CA ILE B 315 40.57 4.51 -23.33
C ILE B 315 41.61 4.07 -22.31
N ASP B 316 42.87 4.06 -22.74
CA ASP B 316 43.97 3.68 -21.85
C ASP B 316 44.66 4.96 -21.41
N TYR B 317 44.60 5.25 -20.11
CA TYR B 317 45.18 6.46 -19.55
C TYR B 317 46.67 6.42 -19.28
N LEU B 318 47.19 5.25 -18.90
CA LEU B 318 48.61 5.11 -18.61
C LEU B 318 49.43 4.66 -19.82
N ASN B 319 48.88 3.75 -20.61
CA ASN B 319 49.55 3.24 -21.81
C ASN B 319 50.77 2.38 -21.46
CO CO C . -7.12 -14.22 4.30
CO CO D . -8.49 -13.26 1.73
N ORN E . -1.88 -14.31 -2.37
CA ORN E . -1.71 -12.85 -2.24
CB ORN E . -2.93 -12.23 -1.51
CG ORN E . -3.07 -12.74 -0.06
CD ORN E . -4.34 -12.14 0.55
NE ORN E . -4.21 -12.07 2.01
C ORN E . -0.43 -12.55 -1.48
O ORN E . 0.28 -13.46 -1.12
OXT ORN E . -0.09 -11.28 -1.24
N ORN F . 5.77 -16.64 -6.21
CA ORN F . 6.84 -17.44 -6.80
CB ORN F . 8.16 -17.16 -6.05
CG ORN F . 8.83 -15.92 -6.65
CD ORN F . 9.79 -15.30 -5.62
NE ORN F . 9.17 -14.12 -5.01
C ORN F . 6.48 -18.92 -6.72
O ORN F . 6.46 -19.50 -5.68
OXT ORN F . 6.17 -19.56 -7.85
CO CO G . 7.94 20.21 -2.71
CO CO H . 6.78 18.96 -5.16
N ORN I . 0.97 20.77 0.54
CA ORN I . 0.97 22.18 0.12
CB ORN I . 2.31 22.54 -0.54
CG ORN I . 2.59 21.66 -1.77
CD ORN I . 3.80 22.22 -2.52
NE ORN I . 3.73 21.81 -3.91
C ORN I . -0.19 22.46 -0.85
O ORN I . -1.03 21.61 -1.07
OXT ORN I . -0.29 23.66 -1.44
#